data_8QJN
#
_entry.id   8QJN
#
_cell.length_a   44.470
_cell.length_b   72.741
_cell.length_c   82.752
_cell.angle_alpha   90.000
_cell.angle_beta   102.684
_cell.angle_gamma   90.000
#
_symmetry.space_group_name_H-M   'P 1 21 1'
#
loop_
_entity.id
_entity.type
_entity.pdbx_description
1 polymer 'S1/P1 Nuclease'
2 non-polymer 'ZINC ION'
3 non-polymer 'SULFATE ION'
4 non-polymer 'PHOSPHATE ION'
5 non-polymer GLYCEROL
6 non-polymer 'ADENOSINE MONOPHOSPHATE'
7 water water
#
_entity_poly.entity_id   1
_entity_poly.type   'polypeptide(L)'
_entity_poly.pdbx_seq_one_letter_code
;WGAQGHRLVAEVADARLNPTARAEVDRLLATEPDATLASIAPWADQLRAKDPGLGRRSAGWHYVNIAEDNCHYEAPKHCR
NGNCIVEALKAQSTILGDRSLTDGERLQALKFVVHLVGDIHQPMHAGYAHDKGGNDFQLQFGNRGTNLHSLWDSGMLNTR
KLDDAGYLPLLQSQRAPKLARQSNPQRDPQTWAEASCRISMQAGVYPATRKIGDEYTERYRPLAEAQLRLAGENLAQLLN
RVLGARLEHHHHHH
;
_entity_poly.pdbx_strand_id   A,B
#
loop_
_chem_comp.id
_chem_comp.type
_chem_comp.name
_chem_comp.formula
AMP non-polymer 'ADENOSINE MONOPHOSPHATE' 'C10 H14 N5 O7 P'
GOL non-polymer GLYCEROL 'C3 H8 O3'
PO4 non-polymer 'PHOSPHATE ION' 'O4 P -3'
SO4 non-polymer 'SULFATE ION' 'O4 S -2'
ZN non-polymer 'ZINC ION' 'Zn 2'
#
# COMPACT_ATOMS: atom_id res chain seq x y z
N TRP A 1 -5.42 1.64 23.42
CA TRP A 1 -4.45 1.92 24.50
C TRP A 1 -5.20 2.29 25.78
N GLY A 2 -4.50 2.17 26.90
CA GLY A 2 -4.87 2.87 28.15
C GLY A 2 -4.57 4.33 28.06
N ALA A 3 -4.79 5.08 29.15
CA ALA A 3 -4.75 6.54 29.15
C ALA A 3 -3.34 6.99 28.73
N GLN A 4 -2.31 6.39 29.32
CA GLN A 4 -0.91 6.83 29.07
C GLN A 4 -0.58 6.69 27.57
N GLY A 5 -0.92 5.56 26.96
CA GLY A 5 -0.66 5.36 25.52
C GLY A 5 -1.32 6.46 24.71
N HIS A 6 -2.59 6.77 24.99
CA HIS A 6 -3.31 7.84 24.28
C HIS A 6 -2.62 9.18 24.47
N ARG A 7 -2.25 9.55 25.70
CA ARG A 7 -1.54 10.82 25.93
C ARG A 7 -0.23 10.86 25.12
N LEU A 8 0.55 9.78 25.16
CA LEU A 8 1.87 9.79 24.51
C LEU A 8 1.71 9.99 23.01
N VAL A 9 0.74 9.33 22.38
CA VAL A 9 0.43 9.51 20.93
C VAL A 9 0.19 11.00 20.69
N ALA A 10 -0.61 11.65 21.51
CA ALA A 10 -0.94 13.09 21.35
C ALA A 10 0.31 13.95 21.57
N GLU A 11 1.15 13.60 22.54
CA GLU A 11 2.35 14.42 22.85
CA GLU A 11 2.38 14.38 22.85
C GLU A 11 3.36 14.33 21.68
N VAL A 12 3.54 13.14 21.09
CA VAL A 12 4.42 12.96 19.90
C VAL A 12 3.84 13.82 18.78
N ALA A 13 2.53 13.80 18.61
CA ALA A 13 1.87 14.52 17.50
C ALA A 13 2.00 16.04 17.68
N ASP A 14 1.78 16.52 18.89
CA ASP A 14 1.62 17.96 19.19
C ASP A 14 2.86 18.70 18.71
N ALA A 15 4.04 18.11 18.93
CA ALA A 15 5.34 18.73 18.58
C ALA A 15 5.58 18.82 17.07
N ARG A 16 4.86 18.01 16.27
CA ARG A 16 5.07 17.87 14.81
CA ARG A 16 5.07 17.89 14.82
C ARG A 16 4.00 18.66 14.05
N LEU A 17 3.13 19.39 14.73
CA LEU A 17 2.13 20.18 13.98
C LEU A 17 2.81 21.32 13.24
N ASN A 18 2.35 21.59 12.03
CA ASN A 18 2.81 22.76 11.23
C ASN A 18 2.19 24.02 11.85
N PRO A 19 2.72 25.23 11.58
CA PRO A 19 2.20 26.45 12.20
C PRO A 19 0.70 26.65 12.04
N THR A 20 0.12 26.26 10.90
CA THR A 20 -1.33 26.49 10.64
C THR A 20 -2.16 25.57 11.54
N ALA A 21 -1.79 24.29 11.60
CA ALA A 21 -2.51 23.27 12.39
C ALA A 21 -2.28 23.56 13.86
N ARG A 22 -1.10 24.04 14.23
CA ARG A 22 -0.80 24.52 15.61
CA ARG A 22 -0.87 24.44 15.65
C ARG A 22 -1.86 25.53 16.05
N ALA A 23 -2.01 26.60 15.26
CA ALA A 23 -2.91 27.72 15.59
C ALA A 23 -4.37 27.23 15.63
N GLU A 24 -4.77 26.34 14.73
CA GLU A 24 -6.19 25.92 14.65
C GLU A 24 -6.47 24.97 15.82
N VAL A 25 -5.55 24.05 16.10
CA VAL A 25 -5.68 23.14 17.28
C VAL A 25 -5.79 24.00 18.54
N ASP A 26 -4.92 24.98 18.71
CA ASP A 26 -4.91 25.82 19.95
C ASP A 26 -6.24 26.58 20.07
N ARG A 27 -6.77 27.08 18.95
CA ARG A 27 -8.04 27.84 18.90
C ARG A 27 -9.17 26.91 19.38
N LEU A 28 -9.22 25.69 18.87
CA LEU A 28 -10.29 24.74 19.30
C LEU A 28 -10.09 24.35 20.77
N LEU A 29 -8.86 24.08 21.21
CA LEU A 29 -8.59 23.63 22.60
C LEU A 29 -8.98 24.73 23.59
N ALA A 30 -8.81 26.00 23.23
CA ALA A 30 -8.97 27.12 24.19
C ALA A 30 -10.46 27.31 24.51
N THR A 31 -11.36 26.70 23.73
CA THR A 31 -12.81 26.75 24.01
C THR A 31 -13.13 25.84 25.20
N GLU A 32 -12.17 25.01 25.64
CA GLU A 32 -12.33 24.14 26.84
C GLU A 32 -11.19 24.46 27.81
N PRO A 33 -11.51 25.08 28.94
CA PRO A 33 -10.50 25.39 29.96
C PRO A 33 -9.51 24.25 30.27
N ASP A 34 -8.23 24.58 30.17
CA ASP A 34 -7.08 23.70 30.49
C ASP A 34 -6.97 22.51 29.51
N ALA A 35 -7.71 22.48 28.39
CA ALA A 35 -7.54 21.34 27.43
C ALA A 35 -6.22 21.48 26.66
N THR A 36 -5.49 20.37 26.54
CA THR A 36 -4.31 20.22 25.65
C THR A 36 -4.56 19.00 24.76
N LEU A 37 -3.77 18.84 23.69
CA LEU A 37 -3.92 17.65 22.81
C LEU A 37 -3.74 16.40 23.69
N ALA A 38 -2.76 16.39 24.59
CA ALA A 38 -2.52 15.25 25.51
C ALA A 38 -3.76 15.03 26.41
N SER A 39 -4.28 16.07 27.05
CA SER A 39 -5.28 15.92 28.13
C SER A 39 -6.59 15.37 27.56
N ILE A 40 -6.95 15.69 26.30
CA ILE A 40 -8.21 15.21 25.69
C ILE A 40 -8.01 13.80 25.14
N ALA A 41 -6.77 13.32 25.05
CA ALA A 41 -6.52 12.08 24.27
C ALA A 41 -7.29 10.91 24.86
N PRO A 42 -7.41 10.74 26.20
CA PRO A 42 -8.19 9.63 26.74
C PRO A 42 -9.71 9.80 26.79
N TRP A 43 -10.22 10.96 26.39
CA TRP A 43 -11.61 11.38 26.64
C TRP A 43 -12.56 10.35 26.05
N ALA A 44 -12.30 9.82 24.84
CA ALA A 44 -13.29 8.94 24.19
C ALA A 44 -13.56 7.68 25.04
N ASP A 45 -12.57 7.26 25.85
CA ASP A 45 -12.69 6.08 26.74
C ASP A 45 -13.54 6.43 27.97
N GLN A 46 -13.50 7.67 28.43
CA GLN A 46 -14.18 8.09 29.68
C GLN A 46 -15.67 8.31 29.38
N LEU A 47 -15.96 8.70 28.14
CA LEU A 47 -17.29 8.97 27.56
C LEU A 47 -17.98 7.62 27.44
N ARG A 48 -17.36 6.70 26.70
CA ARG A 48 -17.81 5.29 26.55
C ARG A 48 -18.08 4.66 27.94
N ALA A 49 -17.25 5.02 28.93
CA ALA A 49 -17.39 4.56 30.32
C ALA A 49 -18.71 5.11 30.92
N LYS A 50 -18.93 6.43 30.84
CA LYS A 50 -19.84 7.19 31.75
C LYS A 50 -21.06 7.80 31.06
N ASP A 51 -21.08 7.94 29.71
CA ASP A 51 -22.13 8.70 28.99
C ASP A 51 -23.18 7.75 28.41
N PRO A 52 -24.48 7.91 28.78
CA PRO A 52 -25.52 6.96 28.38
C PRO A 52 -25.97 7.07 26.91
N GLY A 53 -25.56 8.13 26.20
CA GLY A 53 -25.88 8.41 24.78
C GLY A 53 -24.68 8.21 23.87
N LEU A 54 -23.86 9.26 23.68
CA LEU A 54 -22.67 9.25 22.77
C LEU A 54 -21.70 8.13 23.17
N GLY A 55 -21.53 7.92 24.49
CA GLY A 55 -20.72 6.81 25.02
C GLY A 55 -21.16 5.47 24.45
N ARG A 56 -22.47 5.19 24.45
CA ARG A 56 -22.98 3.89 23.93
C ARG A 56 -22.91 3.94 22.42
N ARG A 57 -23.18 5.09 21.80
CA ARG A 57 -23.19 5.18 20.31
C ARG A 57 -21.77 4.99 19.74
N SER A 58 -20.72 5.39 20.48
CA SER A 58 -19.33 5.41 19.96
C SER A 58 -18.47 4.23 20.47
N ALA A 59 -19.02 3.30 21.26
CA ALA A 59 -18.23 2.22 21.90
C ALA A 59 -17.57 1.34 20.83
N GLY A 60 -18.25 1.09 19.70
CA GLY A 60 -17.71 0.22 18.63
C GLY A 60 -16.64 0.93 17.81
N TRP A 61 -16.53 2.25 17.97
CA TRP A 61 -15.65 3.07 17.12
C TRP A 61 -14.18 2.82 17.50
N HIS A 62 -13.91 2.17 18.64
CA HIS A 62 -12.53 2.02 19.15
C HIS A 62 -11.79 0.88 18.44
N TYR A 63 -12.46 0.05 17.67
CA TYR A 63 -11.80 -1.16 17.12
C TYR A 63 -12.43 -1.61 15.82
N VAL A 64 -11.74 -2.53 15.18
CA VAL A 64 -12.24 -3.24 13.98
C VAL A 64 -11.61 -4.64 13.98
N ASN A 65 -12.43 -5.67 14.02
CA ASN A 65 -11.86 -7.03 14.18
C ASN A 65 -11.85 -7.68 12.82
N ILE A 66 -10.65 -7.78 12.23
CA ILE A 66 -10.46 -8.26 10.85
C ILE A 66 -9.47 -9.42 10.81
N ALA A 67 -9.01 -9.94 11.94
CA ALA A 67 -8.00 -11.03 11.94
C ALA A 67 -8.57 -12.32 11.30
N GLU A 68 -9.81 -12.69 11.54
CA GLU A 68 -10.37 -13.92 10.93
C GLU A 68 -10.39 -13.83 9.41
N ASP A 69 -10.46 -12.63 8.83
CA ASP A 69 -10.40 -12.41 7.36
C ASP A 69 -8.98 -12.05 6.94
N ASN A 70 -7.96 -12.49 7.71
CA ASN A 70 -6.53 -12.34 7.37
C ASN A 70 -6.19 -10.87 7.14
N CYS A 71 -6.81 -9.96 7.90
CA CYS A 71 -6.44 -8.52 7.96
C CYS A 71 -6.76 -7.85 6.61
N HIS A 72 -7.78 -8.33 5.91
CA HIS A 72 -8.34 -7.67 4.70
C HIS A 72 -9.68 -7.06 5.10
N TYR A 73 -9.69 -5.72 5.23
CA TYR A 73 -10.90 -4.97 5.61
C TYR A 73 -11.93 -4.90 4.47
N GLU A 74 -13.18 -5.11 4.85
CA GLU A 74 -14.39 -4.88 4.02
C GLU A 74 -15.42 -4.08 4.80
N ALA A 75 -15.74 -2.85 4.39
CA ALA A 75 -16.62 -1.98 5.19
C ALA A 75 -17.98 -2.63 5.44
N PRO A 76 -18.64 -3.21 4.41
CA PRO A 76 -19.98 -3.78 4.61
C PRO A 76 -19.99 -4.91 5.66
N LYS A 77 -18.94 -5.72 5.70
CA LYS A 77 -18.87 -6.92 6.57
C LYS A 77 -18.32 -6.52 7.94
N HIS A 78 -17.26 -5.74 7.98
CA HIS A 78 -16.58 -5.46 9.27
C HIS A 78 -16.98 -4.13 9.86
N CYS A 79 -17.78 -3.33 9.16
CA CYS A 79 -18.17 -2.00 9.65
C CYS A 79 -19.61 -1.68 9.25
N ARG A 80 -20.54 -2.57 9.63
CA ARG A 80 -22.01 -2.36 9.50
C ARG A 80 -22.38 -1.06 10.19
N ASN A 81 -23.12 -0.19 9.49
CA ASN A 81 -23.59 1.11 10.02
C ASN A 81 -22.45 2.08 10.35
N GLY A 82 -21.23 1.84 9.88
CA GLY A 82 -20.09 2.71 10.14
C GLY A 82 -19.56 2.52 11.55
N ASN A 83 -20.03 1.49 12.26
CA ASN A 83 -19.70 1.19 13.68
CA ASN A 83 -19.68 1.26 13.70
C ASN A 83 -18.36 0.46 13.79
N CYS A 84 -17.27 1.04 13.30
CA CYS A 84 -15.91 0.54 13.61
C CYS A 84 -14.93 1.70 13.47
N ILE A 85 -13.68 1.49 13.85
CA ILE A 85 -12.68 2.59 13.93
C ILE A 85 -12.33 3.09 12.53
N VAL A 86 -12.38 2.27 11.49
CA VAL A 86 -11.95 2.72 10.13
C VAL A 86 -12.90 3.82 9.63
N GLU A 87 -14.21 3.56 9.63
CA GLU A 87 -15.22 4.52 9.14
C GLU A 87 -15.37 5.64 10.18
N ALA A 88 -15.34 5.36 11.50
CA ALA A 88 -15.47 6.44 12.50
C ALA A 88 -14.30 7.43 12.28
N LEU A 89 -13.06 7.00 12.12
CA LEU A 89 -11.94 7.96 12.01
C LEU A 89 -12.10 8.76 10.71
N LYS A 90 -12.53 8.10 9.63
CA LYS A 90 -12.77 8.82 8.36
C LYS A 90 -13.82 9.91 8.60
N ALA A 91 -14.95 9.56 9.23
CA ALA A 91 -16.02 10.56 9.38
C ALA A 91 -15.56 11.71 10.30
N GLN A 92 -14.93 11.41 11.43
CA GLN A 92 -14.53 12.48 12.37
C GLN A 92 -13.46 13.39 11.76
N SER A 93 -12.60 12.89 10.87
CA SER A 93 -11.60 13.67 10.10
C SER A 93 -12.33 14.68 9.21
N THR A 94 -13.40 14.27 8.55
CA THR A 94 -14.24 15.15 7.71
C THR A 94 -14.92 16.21 8.57
N ILE A 95 -15.51 15.83 9.69
CA ILE A 95 -16.19 16.76 10.61
C ILE A 95 -15.14 17.76 11.09
N LEU A 96 -13.99 17.29 11.55
CA LEU A 96 -12.96 18.20 12.10
C LEU A 96 -12.54 19.25 11.06
N GLY A 97 -12.48 18.89 9.77
CA GLY A 97 -12.02 19.79 8.70
C GLY A 97 -13.11 20.75 8.24
N ASP A 98 -14.37 20.58 8.69
CA ASP A 98 -15.53 21.33 8.20
C ASP A 98 -15.61 22.65 8.98
N ARG A 99 -15.03 23.71 8.41
CA ARG A 99 -14.87 25.00 9.12
C ARG A 99 -16.22 25.69 9.27
N SER A 100 -17.27 25.20 8.63
CA SER A 100 -18.61 25.79 8.72
C SER A 100 -19.26 25.35 10.04
N LEU A 101 -18.69 24.36 10.74
CA LEU A 101 -19.29 23.86 12.01
C LEU A 101 -18.88 24.73 13.21
N THR A 102 -19.53 24.54 14.33
CA THR A 102 -19.20 25.32 15.53
C THR A 102 -17.90 24.78 16.15
N ASP A 103 -17.32 25.57 17.04
CA ASP A 103 -16.05 25.23 17.71
C ASP A 103 -16.31 23.99 18.57
N GLY A 104 -17.50 23.93 19.18
CA GLY A 104 -17.93 22.80 20.00
C GLY A 104 -17.91 21.50 19.21
N GLU A 105 -18.56 21.50 18.05
CA GLU A 105 -18.66 20.33 17.15
C GLU A 105 -17.27 19.92 16.72
N ARG A 106 -16.39 20.87 16.40
CA ARG A 106 -15.10 20.51 15.77
C ARG A 106 -14.14 20.05 16.87
N LEU A 107 -14.24 20.62 18.07
CA LEU A 107 -13.42 20.15 19.21
C LEU A 107 -13.78 18.71 19.54
N GLN A 108 -15.07 18.38 19.60
CA GLN A 108 -15.49 16.97 19.85
C GLN A 108 -14.88 16.05 18.78
N ALA A 109 -14.95 16.46 17.51
CA ALA A 109 -14.37 15.65 16.41
C ALA A 109 -12.85 15.53 16.62
N LEU A 110 -12.18 16.59 17.10
CA LEU A 110 -10.72 16.52 17.38
C LEU A 110 -10.44 15.48 18.48
N LYS A 111 -11.26 15.45 19.51
CA LYS A 111 -11.11 14.47 20.62
C LYS A 111 -11.21 13.07 20.04
N PHE A 112 -12.20 12.81 19.16
CA PHE A 112 -12.27 11.47 18.54
C PHE A 112 -11.05 11.21 17.66
N VAL A 113 -10.65 12.15 16.79
CA VAL A 113 -9.50 11.90 15.87
C VAL A 113 -8.25 11.58 16.70
N VAL A 114 -7.96 12.36 17.75
CA VAL A 114 -6.73 12.15 18.57
C VAL A 114 -6.74 10.74 19.18
N HIS A 115 -7.90 10.33 19.70
CA HIS A 115 -8.06 9.04 20.41
C HIS A 115 -7.96 7.93 19.34
N LEU A 116 -8.77 8.02 18.28
CA LEU A 116 -8.87 6.90 17.33
C LEU A 116 -7.56 6.70 16.56
N VAL A 117 -6.78 7.75 16.25
CA VAL A 117 -5.49 7.46 15.60
C VAL A 117 -4.65 6.61 16.58
N GLY A 118 -4.67 6.93 17.88
CA GLY A 118 -4.06 6.02 18.87
C GLY A 118 -4.59 4.59 18.70
N ASP A 119 -5.89 4.40 18.84
CA ASP A 119 -6.49 3.05 18.97
C ASP A 119 -6.26 2.27 17.67
N ILE A 120 -6.28 2.93 16.51
CA ILE A 120 -6.10 2.20 15.24
C ILE A 120 -4.65 1.72 15.06
N HIS A 121 -3.71 2.13 15.89
CA HIS A 121 -2.31 1.65 15.91
C HIS A 121 -2.09 0.67 17.06
N GLN A 122 -3.12 0.31 17.84
CA GLN A 122 -3.00 -0.75 18.88
CA GLN A 122 -3.05 -0.74 18.89
C GLN A 122 -3.38 -2.08 18.23
N PRO A 123 -2.39 -2.97 18.00
CA PRO A 123 -2.62 -4.23 17.27
C PRO A 123 -3.87 -4.99 17.73
N MET A 124 -4.15 -5.01 19.03
CA MET A 124 -5.28 -5.77 19.61
CA MET A 124 -5.29 -5.80 19.57
C MET A 124 -6.61 -5.06 19.34
N HIS A 125 -6.57 -3.80 18.91
CA HIS A 125 -7.80 -3.08 18.49
C HIS A 125 -8.13 -3.42 17.02
N ALA A 126 -7.33 -4.23 16.32
CA ALA A 126 -7.59 -4.64 14.91
C ALA A 126 -7.52 -6.15 14.77
N GLY A 127 -7.78 -6.92 15.84
CA GLY A 127 -7.50 -8.36 15.84
C GLY A 127 -8.72 -9.24 15.61
N TYR A 128 -8.83 -10.26 16.45
CA TYR A 128 -9.88 -11.29 16.31
C TYR A 128 -11.21 -10.77 16.87
N ALA A 129 -12.30 -10.97 16.13
CA ALA A 129 -13.63 -10.73 16.67
C ALA A 129 -13.92 -11.81 17.74
N HIS A 130 -13.50 -13.04 17.53
CA HIS A 130 -14.04 -14.19 18.32
C HIS A 130 -13.57 -14.12 19.77
N ASP A 131 -12.44 -13.49 20.10
CA ASP A 131 -11.95 -13.36 21.49
C ASP A 131 -11.94 -11.88 21.95
N LYS A 132 -12.70 -11.03 21.25
CA LYS A 132 -12.82 -9.58 21.58
C LYS A 132 -11.43 -8.93 21.62
N GLY A 133 -10.68 -9.02 20.54
CA GLY A 133 -9.35 -8.38 20.44
C GLY A 133 -8.40 -8.86 21.55
N GLY A 134 -8.46 -10.13 21.90
CA GLY A 134 -7.56 -10.69 22.93
C GLY A 134 -8.07 -10.54 24.36
N ASN A 135 -9.20 -9.88 24.58
CA ASN A 135 -9.75 -9.65 25.94
C ASN A 135 -10.04 -11.01 26.61
N ASP A 136 -10.53 -11.99 25.84
CA ASP A 136 -10.88 -13.32 26.39
C ASP A 136 -9.65 -14.20 26.60
N PHE A 137 -8.46 -13.83 26.08
CA PHE A 137 -7.20 -14.61 26.26
C PHE A 137 -6.61 -14.20 27.60
N GLN A 138 -6.98 -14.89 28.69
CA GLN A 138 -6.50 -14.55 30.06
C GLN A 138 -5.14 -15.22 30.24
N LEU A 139 -4.24 -14.54 30.91
CA LEU A 139 -2.86 -15.04 31.07
C LEU A 139 -2.24 -14.39 32.29
N GLN A 140 -1.16 -15.02 32.72
CA GLN A 140 -0.39 -14.55 33.89
C GLN A 140 0.82 -13.82 33.31
N PHE A 141 0.99 -12.56 33.69
CA PHE A 141 2.14 -11.72 33.28
C PHE A 141 2.98 -11.41 34.51
N GLY A 142 4.18 -11.97 34.61
CA GLY A 142 4.90 -11.99 35.90
C GLY A 142 4.07 -12.73 36.93
N ASN A 143 3.71 -12.08 38.04
CA ASN A 143 2.92 -12.71 39.13
C ASN A 143 1.48 -12.24 39.05
N ARG A 144 1.14 -11.51 37.98
CA ARG A 144 -0.13 -10.76 37.90
C ARG A 144 -1.02 -11.38 36.82
N GLY A 145 -2.30 -11.60 37.16
CA GLY A 145 -3.31 -12.06 36.22
C GLY A 145 -3.76 -10.88 35.36
N THR A 146 -3.80 -11.08 34.05
CA THR A 146 -4.28 -10.04 33.11
C THR A 146 -4.85 -10.77 31.90
N ASN A 147 -4.91 -10.08 30.75
CA ASN A 147 -5.39 -10.62 29.47
C ASN A 147 -4.57 -9.96 28.34
N LEU A 148 -4.57 -10.57 27.17
CA LEU A 148 -3.69 -10.17 26.05
C LEU A 148 -4.03 -8.74 25.56
N HIS A 149 -5.30 -8.37 25.57
CA HIS A 149 -5.76 -7.00 25.24
C HIS A 149 -5.14 -5.97 26.20
N SER A 150 -5.29 -6.18 27.50
CA SER A 150 -4.77 -5.26 28.54
C SER A 150 -3.25 -5.25 28.49
N LEU A 151 -2.63 -6.37 28.19
CA LEU A 151 -1.17 -6.44 28.11
C LEU A 151 -0.68 -5.42 27.07
N TRP A 152 -1.33 -5.35 25.92
CA TRP A 152 -0.94 -4.45 24.82
C TRP A 152 -1.44 -3.03 25.08
N ASP A 153 -2.61 -2.85 25.66
CA ASP A 153 -3.10 -1.48 25.99
C ASP A 153 -2.20 -0.80 27.02
N SER A 154 -1.72 -1.49 28.07
CA SER A 154 -1.04 -0.81 29.19
C SER A 154 -0.05 -1.70 29.91
N GLY A 155 -0.23 -3.03 29.95
CA GLY A 155 0.62 -3.88 30.81
C GLY A 155 2.09 -3.75 30.44
N MET A 156 2.44 -3.91 29.17
CA MET A 156 3.88 -3.78 28.76
C MET A 156 4.38 -2.34 28.94
N LEU A 157 3.61 -1.30 28.62
CA LEU A 157 4.05 0.11 28.82
C LEU A 157 4.33 0.36 30.31
N ASN A 158 3.49 -0.16 31.19
CA ASN A 158 3.62 0.04 32.66
C ASN A 158 4.98 -0.50 33.15
N THR A 159 5.61 -1.46 32.46
CA THR A 159 6.87 -2.05 32.95
C THR A 159 8.04 -1.06 32.90
N ARG A 160 7.95 0.00 32.09
CA ARG A 160 8.96 1.05 32.10
C ARG A 160 8.91 1.84 33.40
N LYS A 161 7.75 1.95 34.04
CA LYS A 161 7.56 2.72 35.31
C LYS A 161 7.93 4.17 35.06
N LEU A 162 7.47 4.72 33.92
CA LEU A 162 7.76 6.10 33.51
C LEU A 162 6.44 6.85 33.48
N ASP A 163 6.45 8.07 33.98
CA ASP A 163 5.36 9.06 33.74
C ASP A 163 5.54 9.58 32.30
N ASP A 164 4.60 10.38 31.81
CA ASP A 164 4.62 10.79 30.40
C ASP A 164 5.92 11.54 30.09
N ALA A 165 6.46 12.30 31.02
CA ALA A 165 7.63 13.17 30.78
C ALA A 165 8.87 12.27 30.60
N GLY A 166 8.91 11.12 31.22
CA GLY A 166 10.03 10.17 31.02
C GLY A 166 9.81 9.34 29.76
N TYR A 167 8.56 8.98 29.46
CA TYR A 167 8.29 8.04 28.33
C TYR A 167 8.38 8.78 26.99
N LEU A 168 7.94 10.03 26.94
CA LEU A 168 7.88 10.81 25.67
C LEU A 168 9.25 10.85 24.99
N PRO A 169 10.35 11.30 25.62
CA PRO A 169 11.62 11.39 24.90
C PRO A 169 12.16 10.02 24.50
N LEU A 170 11.80 8.98 25.24
CA LEU A 170 12.18 7.62 24.83
C LEU A 170 11.58 7.32 23.46
N LEU A 171 10.29 7.57 23.26
CA LEU A 171 9.60 7.37 21.96
C LEU A 171 10.23 8.26 20.88
N GLN A 172 10.61 9.48 21.27
CA GLN A 172 11.17 10.48 20.30
C GLN A 172 12.60 10.10 19.92
N SER A 173 13.27 9.29 20.73
CA SER A 173 14.66 8.84 20.46
C SER A 173 14.70 7.79 19.35
N GLN A 174 13.58 7.13 19.05
CA GLN A 174 13.55 6.06 18.04
C GLN A 174 13.95 6.66 16.70
N ARG A 175 14.46 5.82 15.80
CA ARG A 175 14.57 6.19 14.36
C ARG A 175 13.16 6.50 13.86
N ALA A 176 13.07 7.53 13.02
CA ALA A 176 11.80 8.04 12.43
C ALA A 176 11.15 6.92 11.64
N PRO A 177 9.84 6.68 11.80
CA PRO A 177 9.15 5.74 10.94
C PRO A 177 8.97 6.35 9.53
N LYS A 178 8.94 5.50 8.51
CA LYS A 178 8.51 5.90 7.14
C LYS A 178 6.99 6.04 7.13
N LEU A 179 6.47 7.22 6.81
CA LEU A 179 5.01 7.45 6.69
C LEU A 179 4.63 7.35 5.22
N ALA A 180 3.34 7.33 4.91
CA ALA A 180 2.81 7.65 3.55
C ALA A 180 3.43 8.97 3.06
N ARG A 181 3.69 9.08 1.77
CA ARG A 181 4.29 10.31 1.19
C ARG A 181 3.28 11.45 1.33
N GLN A 182 1.98 11.15 1.42
CA GLN A 182 0.89 12.17 1.57
C GLN A 182 -0.21 11.59 2.44
N SER A 183 -0.80 12.38 3.33
CA SER A 183 -2.00 12.01 4.12
C SER A 183 -3.17 11.93 3.15
N ASN A 184 -3.91 10.84 3.21
CA ASN A 184 -5.26 10.73 2.61
C ASN A 184 -6.20 10.31 3.74
N PRO A 185 -6.92 11.25 4.38
CA PRO A 185 -7.74 10.95 5.53
C PRO A 185 -8.87 9.93 5.28
N GLN A 186 -9.30 9.78 4.03
CA GLN A 186 -10.40 8.81 3.71
C GLN A 186 -9.85 7.39 3.44
N ARG A 187 -8.58 7.24 3.09
CA ARG A 187 -7.99 5.93 2.68
C ARG A 187 -6.99 5.40 3.72
N ASP A 188 -6.32 6.27 4.46
CA ASP A 188 -5.21 5.83 5.35
C ASP A 188 -5.76 4.98 6.50
N PRO A 189 -6.95 5.26 7.08
CA PRO A 189 -7.48 4.43 8.18
C PRO A 189 -7.51 2.92 7.89
N GLN A 190 -7.92 2.54 6.70
CA GLN A 190 -7.94 1.11 6.30
C GLN A 190 -6.51 0.55 6.30
N THR A 191 -5.57 1.31 5.76
CA THR A 191 -4.15 0.92 5.70
C THR A 191 -3.65 0.66 7.13
N TRP A 192 -3.98 1.56 8.06
CA TRP A 192 -3.43 1.52 9.43
C TRP A 192 -4.05 0.32 10.17
N ALA A 193 -5.35 0.15 10.03
CA ALA A 193 -6.05 -0.97 10.67
C ALA A 193 -5.47 -2.29 10.19
N GLU A 194 -5.27 -2.42 8.89
CA GLU A 194 -4.73 -3.67 8.29
C GLU A 194 -3.32 -3.91 8.88
N ALA A 195 -2.50 -2.87 8.97
CA ALA A 195 -1.12 -3.01 9.43
C ALA A 195 -1.13 -3.47 10.90
N SER A 196 -1.99 -2.85 11.73
CA SER A 196 -2.15 -3.23 13.14
C SER A 196 -2.65 -4.68 13.26
N CYS A 197 -3.60 -5.07 12.44
CA CYS A 197 -4.07 -6.46 12.38
C CYS A 197 -2.89 -7.41 12.08
N ARG A 198 -2.04 -7.10 11.12
CA ARG A 198 -0.92 -8.02 10.76
C ARG A 198 0.01 -8.19 11.98
N ILE A 199 0.16 -7.18 12.84
CA ILE A 199 1.03 -7.32 14.05
C ILE A 199 0.33 -8.27 15.00
N SER A 200 -1.00 -8.17 15.13
CA SER A 200 -1.74 -9.03 16.10
C SER A 200 -1.52 -10.49 15.69
N MET A 201 -1.26 -10.74 14.41
CA MET A 201 -1.19 -12.10 13.84
CA MET A 201 -1.20 -12.09 13.81
C MET A 201 0.26 -12.53 13.64
N GLN A 202 1.23 -11.74 14.09
CA GLN A 202 2.70 -12.07 13.95
C GLN A 202 3.03 -13.19 14.94
N ALA A 203 3.98 -14.03 14.57
CA ALA A 203 4.41 -15.19 15.37
C ALA A 203 4.74 -14.74 16.80
N GLY A 204 4.12 -15.40 17.77
CA GLY A 204 4.38 -15.21 19.20
C GLY A 204 3.58 -14.08 19.82
N VAL A 205 2.95 -13.18 19.05
CA VAL A 205 2.18 -12.08 19.71
C VAL A 205 1.05 -12.72 20.52
N TYR A 206 0.33 -13.67 19.95
CA TYR A 206 -0.43 -14.66 20.74
C TYR A 206 0.56 -15.71 21.26
N PRO A 207 0.81 -15.77 22.58
CA PRO A 207 1.85 -16.65 23.14
C PRO A 207 1.41 -18.12 23.18
N ALA A 208 2.37 -19.06 23.12
CA ALA A 208 2.08 -20.51 23.09
C ALA A 208 1.74 -21.01 24.49
N THR A 209 1.94 -20.16 25.49
CA THR A 209 1.67 -20.49 26.92
CA THR A 209 1.72 -20.45 26.94
C THR A 209 0.82 -19.37 27.54
N ARG A 210 0.25 -19.63 28.72
CA ARG A 210 -0.60 -18.65 29.45
C ARG A 210 0.20 -18.06 30.63
N LYS A 211 1.49 -18.34 30.72
CA LYS A 211 2.39 -17.72 31.73
C LYS A 211 3.54 -17.10 30.95
N ILE A 212 3.66 -15.80 31.03
CA ILE A 212 4.72 -15.05 30.31
C ILE A 212 5.29 -14.06 31.28
N GLY A 213 6.38 -13.38 30.90
CA GLY A 213 7.07 -12.41 31.76
C GLY A 213 8.09 -11.63 30.94
N ASP A 214 9.32 -11.56 31.42
CA ASP A 214 10.39 -10.70 30.86
C ASP A 214 10.72 -11.04 29.40
N GLU A 215 10.68 -12.30 28.98
CA GLU A 215 11.04 -12.67 27.58
C GLU A 215 10.04 -12.01 26.60
N TYR A 216 8.77 -12.03 26.96
CA TYR A 216 7.68 -11.47 26.11
C TYR A 216 7.85 -9.94 26.09
N THR A 217 7.94 -9.33 27.27
CA THR A 217 8.16 -7.88 27.33
C THR A 217 9.36 -7.48 26.45
N GLU A 218 10.49 -8.17 26.57
CA GLU A 218 11.73 -7.73 25.90
C GLU A 218 11.57 -7.80 24.38
N ARG A 219 10.79 -8.74 23.88
CA ARG A 219 10.55 -8.90 22.43
C ARG A 219 9.53 -7.88 21.93
N TYR A 220 8.41 -7.72 22.64
CA TYR A 220 7.18 -7.08 22.10
C TYR A 220 6.95 -5.66 22.63
N ARG A 221 7.52 -5.29 23.77
CA ARG A 221 7.40 -3.90 24.27
C ARG A 221 8.01 -2.96 23.24
N PRO A 222 9.15 -3.28 22.58
CA PRO A 222 9.68 -2.36 21.55
C PRO A 222 8.72 -2.13 20.38
N LEU A 223 7.95 -3.16 20.04
CA LEU A 223 6.91 -3.10 19.00
C LEU A 223 5.75 -2.22 19.48
N ALA A 224 5.23 -2.41 20.70
CA ALA A 224 4.23 -1.50 21.29
C ALA A 224 4.75 -0.06 21.20
N GLU A 225 5.97 0.21 21.66
CA GLU A 225 6.57 1.57 21.67
C GLU A 225 6.76 2.12 20.23
N ALA A 226 7.14 1.31 19.28
CA ALA A 226 7.23 1.73 17.85
C ALA A 226 5.82 2.13 17.38
N GLN A 227 4.79 1.41 17.81
CA GLN A 227 3.40 1.70 17.39
C GLN A 227 2.96 3.04 17.98
N LEU A 228 3.38 3.39 19.19
CA LEU A 228 3.01 4.68 19.81
C LEU A 228 3.69 5.80 18.97
N ARG A 229 4.95 5.61 18.59
CA ARG A 229 5.71 6.66 17.82
C ARG A 229 5.04 6.82 16.46
N LEU A 230 4.77 5.73 15.80
CA LEU A 230 4.10 5.70 14.46
C LEU A 230 2.76 6.39 14.59
N ALA A 231 1.97 6.05 15.61
CA ALA A 231 0.62 6.64 15.79
C ALA A 231 0.77 8.16 15.94
N GLY A 232 1.70 8.62 16.79
CA GLY A 232 1.92 10.05 17.02
C GLY A 232 2.32 10.78 15.70
N GLU A 233 3.20 10.20 14.91
CA GLU A 233 3.65 10.79 13.64
C GLU A 233 2.51 10.79 12.60
N ASN A 234 1.73 9.72 12.52
CA ASN A 234 0.57 9.65 11.62
C ASN A 234 -0.52 10.62 12.10
N LEU A 235 -0.69 10.84 13.39
CA LEU A 235 -1.69 11.82 13.89
C LEU A 235 -1.25 13.24 13.47
N ALA A 236 0.01 13.57 13.60
CA ALA A 236 0.48 14.92 13.22
C ALA A 236 0.28 15.08 11.70
N GLN A 237 0.65 14.08 10.91
CA GLN A 237 0.54 14.17 9.44
C GLN A 237 -0.95 14.37 9.09
N LEU A 238 -1.88 13.72 9.81
CA LEU A 238 -3.33 13.84 9.51
C LEU A 238 -3.81 15.26 9.86
N LEU A 239 -3.48 15.74 11.06
CA LEU A 239 -3.93 17.04 11.56
C LEU A 239 -3.32 18.12 10.66
N ASN A 240 -2.11 17.90 10.12
CA ASN A 240 -1.49 18.90 9.22
C ASN A 240 -2.25 18.91 7.89
N ARG A 241 -2.79 17.76 7.47
CA ARG A 241 -3.65 17.68 6.27
C ARG A 241 -5.00 18.36 6.52
N VAL A 242 -5.64 18.07 7.63
CA VAL A 242 -7.04 18.44 7.89
C VAL A 242 -7.10 19.89 8.33
N LEU A 243 -6.13 20.32 9.15
CA LEU A 243 -6.18 21.65 9.80
C LEU A 243 -5.02 22.55 9.35
N GLY A 244 -4.02 22.04 8.60
CA GLY A 244 -2.76 22.77 8.34
C GLY A 244 -2.54 22.96 6.85
N ALA A 245 -3.61 22.95 6.07
CA ALA A 245 -3.52 22.91 4.60
C ALA A 245 -3.85 24.31 4.06
N TRP B 1 1.31 -3.19 -15.16
CA TRP B 1 -0.10 -3.56 -15.29
C TRP B 1 -0.51 -4.37 -14.05
N GLY B 2 -1.81 -4.44 -13.81
CA GLY B 2 -2.43 -5.52 -13.00
C GLY B 2 -2.37 -6.87 -13.70
N ALA B 3 -2.89 -7.90 -13.05
CA ALA B 3 -2.75 -9.30 -13.44
C ALA B 3 -3.31 -9.51 -14.85
N GLN B 4 -4.50 -8.99 -15.10
CA GLN B 4 -5.12 -9.19 -16.43
C GLN B 4 -4.25 -8.58 -17.52
N GLY B 5 -3.77 -7.36 -17.31
CA GLY B 5 -2.87 -6.72 -18.30
C GLY B 5 -1.67 -7.63 -18.61
N HIS B 6 -1.05 -8.17 -17.56
CA HIS B 6 0.14 -9.06 -17.71
C HIS B 6 -0.25 -10.30 -18.52
N ARG B 7 -1.39 -10.93 -18.21
CA ARG B 7 -1.86 -12.16 -18.88
C ARG B 7 -2.14 -11.85 -20.37
N LEU B 8 -2.78 -10.74 -20.68
CA LEU B 8 -3.10 -10.37 -22.07
C LEU B 8 -1.84 -10.13 -22.89
N VAL B 9 -0.85 -9.44 -22.32
CA VAL B 9 0.45 -9.27 -23.02
C VAL B 9 1.00 -10.66 -23.39
N ALA B 10 1.01 -11.58 -22.45
CA ALA B 10 1.58 -12.94 -22.64
C ALA B 10 0.74 -13.74 -23.64
N GLU B 11 -0.58 -13.60 -23.59
CA GLU B 11 -1.50 -14.29 -24.54
CA GLU B 11 -1.52 -14.28 -24.54
C GLU B 11 -1.27 -13.76 -25.96
N VAL B 12 -1.15 -12.45 -26.12
CA VAL B 12 -0.79 -11.87 -27.44
C VAL B 12 0.54 -12.49 -27.92
N ALA B 13 1.55 -12.53 -27.06
CA ALA B 13 2.89 -12.99 -27.50
C ALA B 13 2.83 -14.48 -27.81
N ASP B 14 2.15 -15.26 -26.96
CA ASP B 14 2.12 -16.75 -27.08
C ASP B 14 1.77 -17.15 -28.52
N ALA B 15 0.72 -16.55 -29.11
CA ALA B 15 0.22 -16.93 -30.46
C ALA B 15 1.18 -16.48 -31.56
N ARG B 16 2.15 -15.62 -31.24
CA ARG B 16 3.12 -15.06 -32.22
CA ARG B 16 3.11 -15.07 -32.23
C ARG B 16 4.48 -15.76 -32.13
N LEU B 17 4.64 -16.78 -31.28
CA LEU B 17 5.97 -17.45 -31.18
C LEU B 17 6.23 -18.28 -32.44
N ASN B 18 7.44 -18.21 -33.01
CA ASN B 18 7.85 -19.13 -34.11
C ASN B 18 7.98 -20.54 -33.55
N PRO B 19 7.97 -21.58 -34.42
CA PRO B 19 7.98 -22.96 -33.93
C PRO B 19 9.14 -23.33 -33.00
N THR B 20 10.36 -22.86 -33.28
CA THR B 20 11.56 -23.09 -32.41
C THR B 20 11.33 -22.50 -31.01
N ALA B 21 10.89 -21.24 -30.96
CA ALA B 21 10.62 -20.50 -29.70
C ALA B 21 9.46 -21.19 -28.97
N ARG B 22 8.40 -21.59 -29.69
CA ARG B 22 7.27 -22.28 -29.02
CA ARG B 22 7.24 -22.33 -29.11
C ARG B 22 7.76 -23.59 -28.40
N ALA B 23 8.62 -24.34 -29.08
CA ALA B 23 9.14 -25.63 -28.52
C ALA B 23 9.89 -25.33 -27.21
N GLU B 24 10.80 -24.37 -27.22
CA GLU B 24 11.69 -24.09 -26.06
C GLU B 24 10.84 -23.55 -24.91
N VAL B 25 9.89 -22.64 -25.21
CA VAL B 25 9.01 -22.06 -24.15
C VAL B 25 8.24 -23.20 -23.51
N ASP B 26 7.63 -24.09 -24.29
CA ASP B 26 6.79 -25.18 -23.73
C ASP B 26 7.67 -26.11 -22.89
N ARG B 27 8.90 -26.37 -23.36
CA ARG B 27 9.84 -27.23 -22.59
C ARG B 27 10.01 -26.62 -21.20
N LEU B 28 10.36 -25.32 -21.15
CA LEU B 28 10.62 -24.64 -19.87
C LEU B 28 9.35 -24.64 -19.02
N LEU B 29 8.20 -24.31 -19.60
CA LEU B 29 6.91 -24.26 -18.88
C LEU B 29 6.59 -25.65 -18.31
N ALA B 30 6.97 -26.74 -18.99
CA ALA B 30 6.58 -28.11 -18.57
C ALA B 30 7.29 -28.50 -17.29
N THR B 31 8.40 -27.85 -16.93
CA THR B 31 9.15 -28.16 -15.67
C THR B 31 8.30 -27.68 -14.49
N GLU B 32 7.22 -26.93 -14.74
CA GLU B 32 6.32 -26.41 -13.69
C GLU B 32 4.89 -26.86 -13.95
N PRO B 33 4.33 -27.74 -13.11
CA PRO B 33 2.95 -28.21 -13.26
C PRO B 33 1.97 -27.07 -13.51
N ASP B 34 1.24 -27.14 -14.63
CA ASP B 34 0.12 -26.23 -14.99
C ASP B 34 0.63 -24.81 -15.31
N ALA B 35 1.88 -24.63 -15.75
CA ALA B 35 2.40 -23.31 -16.18
C ALA B 35 2.08 -23.05 -17.65
N THR B 36 1.56 -21.86 -17.97
CA THR B 36 1.42 -21.32 -19.34
C THR B 36 2.09 -19.94 -19.39
N LEU B 37 2.39 -19.42 -20.56
CA LEU B 37 3.03 -18.09 -20.64
C LEU B 37 2.11 -17.08 -19.94
N ALA B 38 0.79 -17.25 -20.11
CA ALA B 38 -0.25 -16.38 -19.54
C ALA B 38 -0.22 -16.55 -18.02
N SER B 39 -0.18 -17.77 -17.49
CA SER B 39 -0.34 -17.99 -16.04
C SER B 39 0.88 -17.48 -15.27
N ILE B 40 2.09 -17.51 -15.85
CA ILE B 40 3.31 -17.01 -15.14
C ILE B 40 3.37 -15.46 -15.21
N ALA B 41 2.60 -14.82 -16.10
CA ALA B 41 2.86 -13.41 -16.49
C ALA B 41 2.76 -12.51 -15.26
N PRO B 42 1.82 -12.77 -14.32
CA PRO B 42 1.73 -11.99 -13.09
C PRO B 42 2.71 -12.35 -11.97
N TRP B 43 3.42 -13.48 -12.10
CA TRP B 43 4.21 -14.10 -11.00
C TRP B 43 5.12 -13.06 -10.31
N ALA B 44 5.76 -12.15 -11.05
CA ALA B 44 6.77 -11.21 -10.48
C ALA B 44 6.11 -10.27 -9.45
N ASP B 45 4.80 -9.97 -9.58
CA ASP B 45 4.07 -9.08 -8.64
C ASP B 45 3.63 -9.88 -7.40
N GLN B 46 3.50 -11.20 -7.46
CA GLN B 46 2.98 -12.05 -6.34
C GLN B 46 4.16 -12.55 -5.51
N LEU B 47 5.34 -12.52 -6.09
CA LEU B 47 6.64 -12.72 -5.41
C LEU B 47 6.82 -11.51 -4.51
N ARG B 48 6.67 -10.34 -5.14
CA ARG B 48 6.96 -9.01 -4.55
C ARG B 48 6.12 -8.81 -3.28
N ALA B 49 4.84 -9.19 -3.32
CA ALA B 49 3.91 -9.15 -2.18
C ALA B 49 4.45 -10.00 -1.02
N LYS B 50 4.91 -11.24 -1.31
CA LYS B 50 5.02 -12.35 -0.32
C LYS B 50 6.48 -12.71 -0.01
N ASP B 51 7.33 -12.87 -1.04
CA ASP B 51 8.70 -13.46 -0.91
C ASP B 51 9.68 -12.42 -0.36
N PRO B 52 10.18 -12.58 0.90
CA PRO B 52 11.04 -11.56 1.50
C PRO B 52 12.46 -11.47 0.92
N GLY B 53 12.78 -12.34 -0.05
CA GLY B 53 14.13 -12.43 -0.67
C GLY B 53 14.13 -11.87 -2.09
N LEU B 54 13.85 -12.71 -3.08
CA LEU B 54 13.73 -12.27 -4.50
C LEU B 54 12.72 -11.11 -4.60
N GLY B 55 11.61 -11.20 -3.88
CA GLY B 55 10.53 -10.19 -3.93
C GLY B 55 11.07 -8.82 -3.57
N ARG B 56 11.71 -8.72 -2.42
CA ARG B 56 12.33 -7.48 -1.92
C ARG B 56 13.34 -7.03 -2.95
N ARG B 57 14.21 -7.97 -3.35
CA ARG B 57 15.38 -7.72 -4.22
C ARG B 57 14.94 -7.25 -5.60
N SER B 58 13.78 -7.71 -6.12
CA SER B 58 13.34 -7.43 -7.51
C SER B 58 12.29 -6.29 -7.61
N ALA B 59 11.77 -5.74 -6.50
CA ALA B 59 10.67 -4.75 -6.50
C ALA B 59 10.99 -3.56 -7.42
N GLY B 60 12.20 -3.01 -7.30
CA GLY B 60 12.66 -1.89 -8.16
C GLY B 60 12.71 -2.25 -9.62
N TRP B 61 12.70 -3.54 -9.95
CA TRP B 61 12.92 -3.96 -11.35
C TRP B 61 11.70 -3.63 -12.22
N HIS B 62 10.57 -3.28 -11.62
CA HIS B 62 9.29 -3.16 -12.35
C HIS B 62 9.16 -1.78 -13.01
N TYR B 63 10.03 -0.83 -12.69
CA TYR B 63 9.84 0.56 -13.18
C TYR B 63 11.17 1.27 -13.35
N VAL B 64 11.11 2.45 -13.96
CA VAL B 64 12.25 3.40 -14.02
C VAL B 64 11.68 4.81 -14.06
N ASN B 65 12.26 5.72 -13.30
CA ASN B 65 11.74 7.09 -13.18
C ASN B 65 12.61 7.98 -14.05
N ILE B 66 12.21 8.26 -15.28
CA ILE B 66 13.00 9.11 -16.22
C ILE B 66 12.22 10.37 -16.61
N ALA B 67 11.01 10.57 -16.10
CA ALA B 67 10.18 11.74 -16.48
C ALA B 67 10.84 13.07 -16.04
N GLU B 68 11.44 13.14 -14.85
CA GLU B 68 12.18 14.34 -14.39
C GLU B 68 13.14 14.81 -15.47
N ASP B 69 13.80 13.88 -16.16
CA ASP B 69 14.89 14.17 -17.13
C ASP B 69 14.36 14.06 -18.56
N ASN B 70 13.08 14.42 -18.80
CA ASN B 70 12.49 14.52 -20.15
C ASN B 70 12.66 13.20 -20.93
N CYS B 71 12.56 12.06 -20.24
CA CYS B 71 12.50 10.70 -20.87
C CYS B 71 13.83 10.38 -21.56
N HIS B 72 14.92 10.92 -21.04
CA HIS B 72 16.30 10.59 -21.47
C HIS B 72 16.95 9.74 -20.38
N TYR B 73 17.01 8.44 -20.63
CA TYR B 73 17.53 7.42 -19.67
C TYR B 73 19.04 7.48 -19.60
N GLU B 74 19.58 7.30 -18.40
CA GLU B 74 21.02 7.24 -18.05
C GLU B 74 21.20 6.20 -16.92
N ALA B 75 21.84 5.07 -17.19
CA ALA B 75 21.83 3.94 -16.24
C ALA B 75 22.46 4.34 -14.91
N PRO B 76 23.58 5.10 -14.90
CA PRO B 76 24.23 5.44 -13.64
C PRO B 76 23.29 6.29 -12.76
N LYS B 77 22.47 7.15 -13.37
CA LYS B 77 21.59 8.09 -12.63
C LYS B 77 20.23 7.43 -12.34
N HIS B 78 19.62 6.76 -13.31
CA HIS B 78 18.22 6.25 -13.17
C HIS B 78 18.21 4.80 -12.74
N CYS B 79 19.35 4.09 -12.83
CA CYS B 79 19.41 2.62 -12.58
C CYS B 79 20.62 2.24 -11.72
N ARG B 80 20.86 2.99 -10.66
CA ARG B 80 21.90 2.64 -9.67
C ARG B 80 21.74 1.17 -9.23
N ASN B 81 22.85 0.42 -9.24
CA ASN B 81 22.91 -1.01 -8.84
C ASN B 81 22.08 -1.88 -9.79
N GLY B 82 21.77 -1.42 -11.00
CA GLY B 82 20.94 -2.18 -11.96
C GLY B 82 19.49 -2.33 -11.49
N ASN B 83 19.08 -1.52 -10.52
CA ASN B 83 17.77 -1.69 -9.84
C ASN B 83 16.73 -0.85 -10.59
N CYS B 84 16.46 -1.21 -11.82
CA CYS B 84 15.34 -0.63 -12.59
C CYS B 84 15.00 -1.54 -13.77
N ILE B 85 13.84 -1.32 -14.39
CA ILE B 85 13.32 -2.26 -15.44
C ILE B 85 14.26 -2.32 -16.65
N VAL B 86 14.97 -1.24 -16.98
CA VAL B 86 15.72 -1.25 -18.26
C VAL B 86 16.87 -2.27 -18.14
N GLU B 87 17.65 -2.15 -17.07
CA GLU B 87 18.81 -3.05 -16.85
C GLU B 87 18.28 -4.43 -16.42
N ALA B 88 17.20 -4.54 -15.65
CA ALA B 88 16.66 -5.85 -15.21
C ALA B 88 16.22 -6.65 -16.45
N LEU B 89 15.48 -6.02 -17.38
CA LEU B 89 15.01 -6.73 -18.59
C LEU B 89 16.23 -7.19 -19.40
N LYS B 90 17.25 -6.34 -19.60
CA LYS B 90 18.46 -6.72 -20.37
C LYS B 90 19.07 -7.95 -19.70
N ALA B 91 19.25 -7.91 -18.38
CA ALA B 91 19.92 -9.01 -17.66
C ALA B 91 19.09 -10.29 -17.86
N GLN B 92 17.78 -10.21 -17.66
CA GLN B 92 16.94 -11.42 -17.59
C GLN B 92 16.85 -12.02 -18.98
N SER B 93 16.97 -11.21 -20.02
CA SER B 93 16.97 -11.63 -21.44
C SER B 93 18.24 -12.44 -21.71
N THR B 94 19.38 -11.94 -21.22
CA THR B 94 20.68 -12.64 -21.29
C THR B 94 20.59 -13.98 -20.57
N ILE B 95 20.13 -14.01 -19.31
CA ILE B 95 19.99 -15.24 -18.49
C ILE B 95 19.02 -16.22 -19.20
N LEU B 96 17.93 -15.73 -19.78
CA LEU B 96 16.97 -16.64 -20.48
C LEU B 96 17.70 -17.34 -21.64
N GLY B 97 18.55 -16.64 -22.36
CA GLY B 97 19.21 -17.11 -23.59
C GLY B 97 20.42 -18.00 -23.35
N ASP B 98 20.81 -18.21 -22.09
CA ASP B 98 22.02 -18.96 -21.68
C ASP B 98 21.64 -20.43 -21.50
N ARG B 99 21.86 -21.21 -22.55
CA ARG B 99 21.44 -22.63 -22.64
C ARG B 99 22.23 -23.50 -21.66
N SER B 100 23.32 -22.99 -21.07
CA SER B 100 24.19 -23.74 -20.14
C SER B 100 23.53 -23.77 -18.76
N LEU B 101 22.48 -22.97 -18.53
CA LEU B 101 21.81 -22.93 -17.19
C LEU B 101 20.77 -24.05 -17.05
N THR B 102 20.35 -24.31 -15.83
CA THR B 102 19.29 -25.30 -15.51
C THR B 102 17.94 -24.78 -16.02
N ASP B 103 16.96 -25.67 -16.15
CA ASP B 103 15.59 -25.35 -16.60
C ASP B 103 14.92 -24.39 -15.60
N GLY B 104 15.10 -24.63 -14.30
CA GLY B 104 14.61 -23.78 -13.20
C GLY B 104 15.18 -22.36 -13.20
N GLU B 105 16.46 -22.20 -13.57
CA GLU B 105 17.11 -20.86 -13.73
C GLU B 105 16.50 -20.16 -14.94
N ARG B 106 16.31 -20.86 -16.04
CA ARG B 106 15.84 -20.24 -17.29
C ARG B 106 14.34 -19.95 -17.25
N LEU B 107 13.54 -20.76 -16.56
CA LEU B 107 12.08 -20.50 -16.41
C LEU B 107 11.91 -19.26 -15.53
N GLN B 108 12.62 -19.16 -14.40
CA GLN B 108 12.56 -17.94 -13.55
C GLN B 108 12.90 -16.72 -14.44
N ALA B 109 13.95 -16.77 -15.25
CA ALA B 109 14.28 -15.64 -16.15
C ALA B 109 13.08 -15.42 -17.08
N LEU B 110 12.46 -16.49 -17.60
CA LEU B 110 11.33 -16.34 -18.55
C LEU B 110 10.21 -15.59 -17.83
N LYS B 111 9.88 -16.00 -16.62
CA LYS B 111 8.86 -15.31 -15.82
C LYS B 111 9.17 -13.81 -15.79
N PHE B 112 10.42 -13.43 -15.49
CA PHE B 112 10.77 -11.99 -15.37
C PHE B 112 10.62 -11.32 -16.74
N VAL B 113 11.08 -11.95 -17.81
CA VAL B 113 11.04 -11.32 -19.15
C VAL B 113 9.58 -11.06 -19.51
N VAL B 114 8.72 -12.04 -19.30
CA VAL B 114 7.30 -11.94 -19.73
C VAL B 114 6.69 -10.75 -19.00
N HIS B 115 6.93 -10.66 -17.70
CA HIS B 115 6.32 -9.62 -16.83
C HIS B 115 6.90 -8.26 -17.20
N LEU B 116 8.23 -8.15 -17.28
CA LEU B 116 8.89 -6.83 -17.47
C LEU B 116 8.62 -6.30 -18.88
N VAL B 117 8.51 -7.14 -19.93
CA VAL B 117 8.12 -6.55 -21.23
C VAL B 117 6.74 -5.87 -21.03
N GLY B 118 5.83 -6.48 -20.27
CA GLY B 118 4.55 -5.86 -19.91
C GLY B 118 4.77 -4.54 -19.20
N ASP B 119 5.50 -4.54 -18.10
CA ASP B 119 5.57 -3.32 -17.25
C ASP B 119 6.23 -2.19 -18.02
N ILE B 120 7.24 -2.45 -18.85
CA ILE B 120 8.04 -1.38 -19.53
C ILE B 120 7.18 -0.65 -20.58
N HIS B 121 6.04 -1.23 -20.97
CA HIS B 121 5.09 -0.66 -21.95
C HIS B 121 3.92 0.04 -21.24
N GLN B 122 3.93 0.05 -19.90
CA GLN B 122 2.90 0.78 -19.09
C GLN B 122 3.48 2.19 -18.86
N PRO B 123 2.95 3.26 -19.51
CA PRO B 123 3.55 4.59 -19.44
C PRO B 123 3.95 5.04 -18.02
N MET B 124 3.13 4.72 -17.02
CA MET B 124 3.37 5.26 -15.66
CA MET B 124 3.30 5.18 -15.61
C MET B 124 4.50 4.48 -14.96
N HIS B 125 4.90 3.35 -15.49
CA HIS B 125 6.13 2.62 -15.05
C HIS B 125 7.42 3.29 -15.53
N ALA B 126 7.36 4.30 -16.41
CA ALA B 126 8.56 5.09 -16.82
C ALA B 126 8.41 6.58 -16.45
N GLY B 127 7.66 6.91 -15.41
CA GLY B 127 7.25 8.30 -15.08
C GLY B 127 8.18 9.00 -14.10
N TYR B 128 7.60 9.87 -13.29
CA TYR B 128 8.31 10.69 -12.26
C TYR B 128 8.68 9.92 -11.00
N ALA B 129 9.87 10.15 -10.42
CA ALA B 129 10.19 9.72 -9.04
C ALA B 129 9.33 10.46 -8.03
N HIS B 130 9.01 11.73 -8.28
CA HIS B 130 8.45 12.57 -7.19
C HIS B 130 7.02 12.18 -6.86
N ASP B 131 6.27 11.55 -7.76
CA ASP B 131 4.94 11.00 -7.45
C ASP B 131 4.90 9.48 -7.55
N LYS B 132 6.05 8.80 -7.57
CA LYS B 132 6.14 7.31 -7.69
C LYS B 132 5.32 6.83 -8.89
N GLY B 133 5.59 7.36 -10.09
CA GLY B 133 4.90 6.89 -11.31
C GLY B 133 3.39 7.13 -11.21
N GLY B 134 2.98 8.18 -10.50
CA GLY B 134 1.56 8.57 -10.43
C GLY B 134 0.83 7.90 -9.27
N ASN B 135 1.47 7.04 -8.52
CA ASN B 135 0.89 6.42 -7.30
C ASN B 135 0.48 7.51 -6.30
N ASP B 136 1.26 8.60 -6.21
CA ASP B 136 0.98 9.65 -5.20
C ASP B 136 -0.11 10.59 -5.68
N PHE B 137 -0.57 10.48 -6.93
CA PHE B 137 -1.64 11.34 -7.48
C PHE B 137 -2.96 10.62 -7.22
N GLN B 138 -3.55 10.93 -6.07
CA GLN B 138 -4.81 10.31 -5.64
C GLN B 138 -5.95 11.00 -6.38
N LEU B 139 -6.89 10.22 -6.85
CA LEU B 139 -8.03 10.79 -7.59
C LEU B 139 -9.26 9.87 -7.44
N GLN B 140 -10.42 10.42 -7.73
CA GLN B 140 -11.70 9.67 -7.77
CA GLN B 140 -11.71 9.68 -7.77
C GLN B 140 -11.98 9.35 -9.24
N PHE B 141 -12.17 8.08 -9.53
CA PHE B 141 -12.50 7.60 -10.89
C PHE B 141 -13.91 7.01 -10.84
N GLY B 142 -14.88 7.69 -11.45
CA GLY B 142 -16.30 7.38 -11.18
C GLY B 142 -16.57 7.47 -9.68
N ASN B 143 -16.94 6.36 -9.04
CA ASN B 143 -17.34 6.28 -7.62
C ASN B 143 -16.30 5.54 -6.75
N ARG B 144 -15.02 5.54 -7.12
CA ARG B 144 -13.98 4.82 -6.34
C ARG B 144 -12.77 5.74 -6.18
N GLY B 145 -12.13 5.68 -5.02
CA GLY B 145 -10.83 6.33 -4.79
C GLY B 145 -9.73 5.47 -5.38
N THR B 146 -8.84 6.06 -6.19
CA THR B 146 -7.72 5.33 -6.80
C THR B 146 -6.56 6.31 -6.97
N ASN B 147 -5.60 5.96 -7.82
CA ASN B 147 -4.50 6.88 -8.17
C ASN B 147 -4.17 6.75 -9.64
N LEU B 148 -3.33 7.67 -10.14
CA LEU B 148 -3.10 7.78 -11.57
C LEU B 148 -2.33 6.53 -11.99
N HIS B 149 -1.51 5.96 -11.08
CA HIS B 149 -0.77 4.73 -11.41
C HIS B 149 -1.77 3.58 -11.61
N SER B 150 -2.62 3.32 -10.63
CA SER B 150 -3.57 2.19 -10.68
C SER B 150 -4.55 2.38 -11.84
N LEU B 151 -4.90 3.63 -12.12
CA LEU B 151 -5.83 3.97 -13.21
C LEU B 151 -5.28 3.35 -14.49
N TRP B 152 -3.98 3.47 -14.69
CA TRP B 152 -3.28 2.92 -15.87
C TRP B 152 -2.99 1.40 -15.73
N ASP B 153 -2.65 0.91 -14.54
CA ASP B 153 -2.36 -0.55 -14.41
C ASP B 153 -3.63 -1.35 -14.70
N SER B 154 -4.80 -0.90 -14.24
CA SER B 154 -6.01 -1.76 -14.29
C SER B 154 -7.31 -0.96 -14.35
N GLY B 155 -7.41 0.22 -13.74
CA GLY B 155 -8.70 0.92 -13.65
C GLY B 155 -9.38 1.06 -15.00
N MET B 156 -8.70 1.61 -16.00
CA MET B 156 -9.34 1.79 -17.32
C MET B 156 -9.61 0.41 -17.92
N LEU B 157 -8.69 -0.56 -17.82
CA LEU B 157 -8.90 -1.87 -18.49
C LEU B 157 -10.14 -2.54 -17.90
N ASN B 158 -10.35 -2.37 -16.60
CA ASN B 158 -11.46 -3.00 -15.84
C ASN B 158 -12.80 -2.45 -16.36
N THR B 159 -12.83 -1.27 -16.96
CA THR B 159 -14.12 -0.71 -17.46
C THR B 159 -14.70 -1.59 -18.57
N ARG B 160 -13.90 -2.44 -19.22
CA ARG B 160 -14.42 -3.29 -20.34
C ARG B 160 -15.27 -4.42 -19.77
N LYS B 161 -15.00 -4.82 -18.53
CA LYS B 161 -15.70 -5.93 -17.84
C LYS B 161 -15.65 -7.15 -18.75
N LEU B 162 -14.46 -7.40 -19.30
CA LEU B 162 -14.16 -8.59 -20.13
C LEU B 162 -13.20 -9.52 -19.38
N ASP B 163 -13.42 -10.82 -19.51
CA ASP B 163 -12.45 -11.86 -19.09
C ASP B 163 -11.39 -11.90 -20.18
N ASP B 164 -10.29 -12.62 -19.96
CA ASP B 164 -9.18 -12.64 -20.92
C ASP B 164 -9.69 -13.07 -22.31
N ALA B 165 -10.60 -14.04 -22.38
CA ALA B 165 -11.05 -14.62 -23.67
C ALA B 165 -11.81 -13.55 -24.45
N GLY B 166 -12.48 -12.62 -23.76
CA GLY B 166 -13.16 -11.49 -24.41
C GLY B 166 -12.23 -10.33 -24.76
N TYR B 167 -11.20 -10.09 -23.95
CA TYR B 167 -10.31 -8.94 -24.15
C TYR B 167 -9.26 -9.23 -25.22
N LEU B 168 -8.72 -10.46 -25.24
CA LEU B 168 -7.61 -10.81 -26.15
C LEU B 168 -7.95 -10.46 -27.59
N PRO B 169 -9.11 -10.91 -28.14
CA PRO B 169 -9.40 -10.66 -29.54
C PRO B 169 -9.64 -9.19 -29.86
N LEU B 170 -10.05 -8.42 -28.87
CA LEU B 170 -10.07 -6.94 -28.95
C LEU B 170 -8.67 -6.44 -29.29
N LEU B 171 -7.65 -6.84 -28.55
CA LEU B 171 -6.26 -6.37 -28.78
C LEU B 171 -5.79 -6.90 -30.13
N GLN B 172 -6.12 -8.15 -30.46
CA GLN B 172 -5.69 -8.83 -31.71
C GLN B 172 -6.42 -8.21 -32.90
N SER B 173 -7.60 -7.61 -32.67
CA SER B 173 -8.40 -6.89 -33.70
C SER B 173 -7.69 -5.63 -34.17
N GLN B 174 -6.82 -5.02 -33.35
CA GLN B 174 -6.23 -3.70 -33.71
C GLN B 174 -5.38 -3.85 -34.97
N ARG B 175 -5.16 -2.73 -35.67
CA ARG B 175 -4.10 -2.61 -36.71
C ARG B 175 -2.75 -3.03 -36.11
N ALA B 176 -1.93 -3.76 -36.86
CA ALA B 176 -0.62 -4.27 -36.35
C ALA B 176 0.29 -3.09 -36.11
N PRO B 177 0.95 -2.99 -34.94
CA PRO B 177 1.94 -1.95 -34.71
C PRO B 177 3.17 -2.29 -35.57
N LYS B 178 3.92 -1.27 -35.98
CA LYS B 178 5.18 -1.43 -36.73
C LYS B 178 6.31 -1.62 -35.71
N LEU B 179 6.96 -2.79 -35.69
CA LEU B 179 8.03 -3.13 -34.72
C LEU B 179 9.38 -2.71 -35.31
N ALA B 180 10.46 -2.84 -34.56
CA ALA B 180 11.82 -2.79 -35.12
C ALA B 180 11.95 -3.94 -36.13
N ARG B 181 12.76 -3.72 -37.17
CA ARG B 181 13.10 -4.78 -38.16
C ARG B 181 13.58 -6.01 -37.40
N GLN B 182 14.33 -5.85 -36.29
CA GLN B 182 14.73 -6.99 -35.45
C GLN B 182 14.80 -6.62 -33.96
N SER B 183 14.66 -7.62 -33.11
CA SER B 183 14.89 -7.56 -31.64
C SER B 183 16.37 -7.28 -31.42
N ASN B 184 16.67 -6.24 -30.65
CA ASN B 184 18.02 -6.00 -30.07
C ASN B 184 17.84 -6.04 -28.56
N PRO B 185 18.06 -7.20 -27.93
CA PRO B 185 17.75 -7.40 -26.52
C PRO B 185 18.52 -6.53 -25.51
N GLN B 186 19.69 -6.02 -25.91
CA GLN B 186 20.57 -5.08 -25.17
CA GLN B 186 20.45 -5.12 -25.01
C GLN B 186 20.03 -3.65 -25.22
N ARG B 187 19.59 -3.23 -26.41
CA ARG B 187 19.28 -1.80 -26.71
C ARG B 187 17.78 -1.47 -26.62
N ASP B 188 16.89 -2.40 -26.94
CA ASP B 188 15.43 -2.17 -27.02
C ASP B 188 14.85 -1.69 -25.70
N PRO B 189 15.21 -2.28 -24.53
CA PRO B 189 14.61 -1.90 -23.25
C PRO B 189 14.68 -0.39 -23.01
N GLN B 190 15.81 0.24 -23.34
CA GLN B 190 15.89 1.72 -23.13
C GLN B 190 14.87 2.41 -24.05
N THR B 191 14.81 2.00 -25.31
CA THR B 191 13.91 2.53 -26.35
C THR B 191 12.46 2.45 -25.84
N TRP B 192 12.13 1.29 -25.30
CA TRP B 192 10.74 1.03 -24.87
C TRP B 192 10.41 1.95 -23.68
N ALA B 193 11.27 2.01 -22.66
CA ALA B 193 11.08 2.81 -21.44
C ALA B 193 10.94 4.28 -21.78
N GLU B 194 11.78 4.79 -22.69
CA GLU B 194 11.73 6.20 -23.18
C GLU B 194 10.40 6.46 -23.91
N ALA B 195 9.94 5.55 -24.75
CA ALA B 195 8.65 5.68 -25.49
C ALA B 195 7.48 5.72 -24.50
N SER B 196 7.50 4.85 -23.50
CA SER B 196 6.53 4.79 -22.40
C SER B 196 6.55 6.11 -21.63
N CYS B 197 7.73 6.57 -21.24
CA CYS B 197 7.89 7.86 -20.54
C CYS B 197 7.25 8.99 -21.39
N ARG B 198 7.48 9.01 -22.69
CA ARG B 198 6.96 10.14 -23.51
C ARG B 198 5.41 10.11 -23.48
N ILE B 199 4.77 8.93 -23.49
CA ILE B 199 3.27 8.83 -23.26
C ILE B 199 2.90 9.46 -21.92
N SER B 200 3.64 9.18 -20.83
CA SER B 200 3.26 9.62 -19.47
C SER B 200 3.30 11.15 -19.39
N MET B 201 4.13 11.77 -20.23
CA MET B 201 4.35 13.23 -20.23
CA MET B 201 4.40 13.23 -20.25
C MET B 201 3.47 13.94 -21.25
N GLN B 202 2.62 13.23 -21.98
CA GLN B 202 1.73 13.92 -22.97
C GLN B 202 0.75 14.81 -22.20
N ALA B 203 0.47 15.99 -22.74
CA ALA B 203 -0.58 16.90 -22.23
C ALA B 203 -1.90 16.14 -22.10
N GLY B 204 -2.52 16.19 -20.93
CA GLY B 204 -3.81 15.52 -20.69
C GLY B 204 -3.68 14.21 -19.96
N VAL B 205 -2.51 13.59 -19.91
CA VAL B 205 -2.42 12.28 -19.21
C VAL B 205 -2.60 12.51 -17.71
N TYR B 206 -2.04 13.60 -17.20
CA TYR B 206 -2.29 14.09 -15.82
C TYR B 206 -3.55 14.91 -15.80
N PRO B 207 -4.63 14.47 -15.13
CA PRO B 207 -5.85 15.28 -15.05
C PRO B 207 -5.52 16.57 -14.28
N ALA B 208 -6.30 17.62 -14.57
CA ALA B 208 -6.22 18.94 -13.89
C ALA B 208 -7.08 18.92 -12.64
N THR B 209 -7.93 17.92 -12.47
CA THR B 209 -8.80 17.78 -11.29
C THR B 209 -8.53 16.46 -10.59
N ARG B 210 -9.16 16.26 -9.44
CA ARG B 210 -9.05 14.97 -8.74
C ARG B 210 -10.31 14.13 -8.97
N LYS B 211 -11.21 14.50 -9.86
CA LYS B 211 -12.39 13.64 -10.16
C LYS B 211 -12.46 13.45 -11.68
N ILE B 212 -12.41 12.22 -12.16
CA ILE B 212 -12.39 11.93 -13.62
C ILE B 212 -13.39 10.83 -13.88
N GLY B 213 -13.76 10.67 -15.13
CA GLY B 213 -14.71 9.59 -15.46
C GLY B 213 -14.57 9.13 -16.88
N ASP B 214 -15.69 9.01 -17.57
CA ASP B 214 -15.76 8.37 -18.91
C ASP B 214 -14.97 9.19 -19.91
N GLU B 215 -14.87 10.51 -19.75
CA GLU B 215 -14.15 11.33 -20.75
C GLU B 215 -12.69 10.86 -20.79
N TYR B 216 -12.07 10.66 -19.63
CA TYR B 216 -10.67 10.21 -19.55
C TYR B 216 -10.57 8.78 -20.13
N THR B 217 -11.42 7.89 -19.68
CA THR B 217 -11.47 6.49 -20.15
C THR B 217 -11.55 6.49 -21.68
N GLU B 218 -12.42 7.31 -22.26
CA GLU B 218 -12.69 7.22 -23.72
C GLU B 218 -11.48 7.71 -24.50
N ARG B 219 -10.75 8.64 -23.94
CA ARG B 219 -9.55 9.16 -24.61
C ARG B 219 -8.37 8.18 -24.44
N TYR B 220 -8.14 7.63 -23.23
CA TYR B 220 -6.83 7.00 -22.89
C TYR B 220 -6.93 5.47 -22.88
N ARG B 221 -8.12 4.90 -22.64
CA ARG B 221 -8.22 3.41 -22.64
C ARG B 221 -7.71 2.87 -23.97
N PRO B 222 -7.95 3.53 -25.12
CA PRO B 222 -7.48 2.99 -26.39
C PRO B 222 -5.95 2.96 -26.46
N LEU B 223 -5.31 3.95 -25.85
CA LEU B 223 -3.83 4.05 -25.77
C LEU B 223 -3.32 2.94 -24.84
N ALA B 224 -3.94 2.69 -23.69
CA ALA B 224 -3.55 1.58 -22.80
C ALA B 224 -3.65 0.28 -23.59
N GLU B 225 -4.76 0.10 -24.31
CA GLU B 225 -5.00 -1.13 -25.13
C GLU B 225 -3.97 -1.25 -26.27
N ALA B 226 -3.59 -0.16 -26.92
CA ALA B 226 -2.57 -0.25 -27.99
C ALA B 226 -1.22 -0.57 -27.33
N GLN B 227 -0.95 -0.04 -26.15
CA GLN B 227 0.27 -0.45 -25.40
C GLN B 227 0.30 -1.95 -25.08
N LEU B 228 -0.82 -2.58 -24.74
CA LEU B 228 -0.84 -4.02 -24.38
C LEU B 228 -0.51 -4.84 -25.64
N ARG B 229 -1.12 -4.49 -26.77
CA ARG B 229 -0.87 -5.18 -28.06
C ARG B 229 0.63 -5.04 -28.37
N LEU B 230 1.15 -3.81 -28.26
CA LEU B 230 2.57 -3.47 -28.56
C LEU B 230 3.45 -4.31 -27.63
N ALA B 231 3.18 -4.31 -26.33
CA ALA B 231 3.92 -5.16 -25.36
C ALA B 231 3.92 -6.62 -25.87
N GLY B 232 2.77 -7.15 -26.26
CA GLY B 232 2.65 -8.56 -26.72
C GLY B 232 3.49 -8.83 -27.96
N GLU B 233 3.41 -7.98 -28.96
CA GLU B 233 4.16 -8.13 -30.21
C GLU B 233 5.65 -8.03 -29.91
N ASN B 234 6.03 -7.09 -29.07
CA ASN B 234 7.46 -6.90 -28.73
C ASN B 234 7.95 -8.08 -27.91
N LEU B 235 7.12 -8.62 -27.00
CA LEU B 235 7.50 -9.80 -26.21
C LEU B 235 7.77 -10.99 -27.16
N ALA B 236 6.91 -11.21 -28.17
CA ALA B 236 7.04 -12.39 -29.06
C ALA B 236 8.34 -12.20 -29.88
N GLN B 237 8.55 -11.00 -30.38
CA GLN B 237 9.75 -10.72 -31.17
C GLN B 237 10.97 -11.00 -30.27
N LEU B 238 10.93 -10.61 -28.97
CA LEU B 238 12.09 -10.85 -28.07
C LEU B 238 12.28 -12.35 -27.83
N LEU B 239 11.22 -13.09 -27.51
CA LEU B 239 11.36 -14.54 -27.30
C LEU B 239 11.80 -15.23 -28.60
N ASN B 240 11.31 -14.79 -29.77
CA ASN B 240 11.67 -15.43 -31.06
C ASN B 240 13.17 -15.21 -31.32
N ARG B 241 13.72 -14.05 -30.91
CA ARG B 241 15.19 -13.79 -31.00
C ARG B 241 15.95 -14.62 -29.96
N VAL B 242 15.53 -14.64 -28.70
CA VAL B 242 16.32 -15.24 -27.60
C VAL B 242 16.23 -16.76 -27.70
N LEU B 243 15.02 -17.31 -27.93
CA LEU B 243 14.76 -18.77 -27.85
C LEU B 243 14.51 -19.36 -29.23
N GLY B 244 14.64 -18.58 -30.31
CA GLY B 244 14.51 -19.04 -31.70
C GLY B 244 15.70 -18.60 -32.57
ZN ZN C . -7.12 2.96 23.64
ZN ZN D . -10.33 3.75 22.95
ZN ZN E . -8.04 -1.49 24.27
S SO4 F . -5.55 2.78 32.12
O1 SO4 F . -6.01 1.71 31.26
O2 SO4 F . -4.12 2.68 32.27
O3 SO4 F . -5.90 4.06 31.54
O4 SO4 F . -6.19 2.65 33.40
S SO4 G . -10.50 10.59 -1.58
O1 SO4 G . -10.22 9.29 -1.01
O2 SO4 G . -11.03 10.41 -2.92
O3 SO4 G . -11.47 11.29 -0.77
O4 SO4 G . -9.27 11.36 -1.65
ZN ZN H . 2.43 -4.64 -14.04
ZN ZN I . 5.18 -5.51 -12.19
ZN ZN J . 2.09 -0.67 -11.91
P PO4 K . 2.85 -3.95 -11.27
O1 PO4 K . 1.90 -4.27 -10.09
O2 PO4 K . 4.22 -3.57 -10.71
O3 PO4 K . 2.97 -5.17 -12.21
O4 PO4 K . 2.29 -2.79 -12.06
C1 GOL L . 17.58 -13.31 -9.69
O1 GOL L . 18.83 -13.69 -9.11
C2 GOL L . 17.60 -13.34 -11.20
O2 GOL L . 18.86 -12.93 -11.71
C3 GOL L . 17.29 -14.70 -11.79
O3 GOL L . 16.11 -14.69 -12.62
P AMP M . 4.11 -0.09 -4.56
O1P AMP M . 5.53 -0.54 -4.36
O2P AMP M . 3.90 1.38 -4.07
O3P AMP M . 3.05 -1.01 -3.96
O5' AMP M . 3.79 -0.14 -6.14
C5' AMP M . 2.45 -0.15 -6.67
C4' AMP M . 2.56 -0.19 -8.18
O4' AMP M . 3.29 0.97 -8.62
C3' AMP M . 3.34 -1.37 -8.76
O3' AMP M . 2.88 -1.56 -10.10
C2' AMP M . 4.79 -0.86 -8.69
O2' AMP M . 5.68 -1.42 -9.65
C1' AMP M . 4.57 0.59 -9.11
N9 AMP M . 5.58 1.53 -8.63
C8 AMP M . 6.10 1.69 -7.38
N7 AMP M . 6.95 2.68 -7.27
C5 AMP M . 7.00 3.21 -8.56
C6 AMP M . 7.77 4.23 -9.14
N6 AMP M . 8.66 4.93 -8.46
N1 AMP M . 7.61 4.45 -10.46
C2 AMP M . 6.74 3.71 -11.15
N3 AMP M . 5.96 2.71 -10.71
C4 AMP M . 6.15 2.51 -9.40
S SO4 N . -4.90 -6.48 -10.11
O1 SO4 N . -3.73 -7.23 -10.51
O2 SO4 N . -5.86 -6.47 -11.21
O3 SO4 N . -5.46 -7.08 -8.93
O4 SO4 N . -4.53 -5.11 -9.79
#